data_8AB2
#
_entry.id   8AB2
#
_cell.length_a   103.797
_cell.length_b   103.797
_cell.length_c   197.824
_cell.angle_alpha   90.000
_cell.angle_beta   90.000
_cell.angle_gamma   90.000
#
_symmetry.space_group_name_H-M   'I 41 2 2'
#
loop_
_entity.id
_entity.type
_entity.pdbx_description
1 polymer 'L-lactate dehydrogenase'
2 non-polymer Tb-Xo4
3 non-polymer 'TERBIUM(III) ION'
4 non-polymer 1,2-ETHANEDIOL
5 water water
#
_entity_poly.entity_id   1
_entity_poly.type   'polypeptide(L)'
_entity_poly.pdbx_seq_one_letter_code
;MFEKILLSNPSAENPSSLRPRKGIIIGLGQVGLACAYSMLIQDCFDELVLQDIASDKLEGEVMDFSHGMPFIPPTDIKAG
TIANEGRNADIVIITAGVAQKEGESRLSLLERNIAIYKKILADVVKYCPEAIILVVTNPVDIMTYATLKITGFPSSRIIG
SGTVLDTARFRTLLAKEMDIDPRSVHAYIIGEHGDSEVPVWSTANVGGMKLVPNTWADLPEDEKATLSGIFQKVQNAAYD
IIKLKGYTSYAIGLATTDIVKAILNSQERILTVSGLMTGMYGIEDVCLSIPRVVSERGIIKTVNLTLSEDEEKLLQQSAK
MLKEVFDKINYHHHHHH
;
_entity_poly.pdbx_strand_id   A
#
loop_
_chem_comp.id
_chem_comp.type
_chem_comp.name
_chem_comp.formula
7MT non-polymer Tb-Xo4 'C20 H23 N5 O4 Tb 5'
EDO non-polymer 1,2-ETHANEDIOL 'C2 H6 O2'
TB non-polymer 'TERBIUM(III) ION' 'Tb 3'
#
# COMPACT_ATOMS: atom_id res chain seq x y z
N MET A 1 17.71 33.85 -27.02
CA MET A 1 18.68 33.33 -27.98
C MET A 1 18.10 32.13 -28.73
N PHE A 2 18.90 31.59 -29.66
CA PHE A 2 18.54 30.45 -30.50
C PHE A 2 17.37 30.77 -31.43
N GLU A 3 17.06 32.05 -31.63
N GLU A 3 17.07 32.06 -31.63
CA GLU A 3 16.00 32.41 -32.56
CA GLU A 3 16.02 32.44 -32.55
C GLU A 3 16.37 32.16 -34.01
C GLU A 3 16.36 32.06 -33.99
N LYS A 4 17.65 31.90 -34.30
CA LYS A 4 18.07 31.48 -35.63
C LYS A 4 17.79 29.99 -35.87
N ILE A 5 17.45 29.25 -34.82
CA ILE A 5 17.08 27.84 -34.93
C ILE A 5 15.56 27.74 -34.88
N LEU A 6 14.96 28.27 -33.82
CA LEU A 6 13.52 28.21 -33.60
C LEU A 6 13.00 29.63 -33.46
N LEU A 7 12.14 30.04 -34.37
CA LEU A 7 11.57 31.38 -34.37
C LEU A 7 10.25 31.36 -33.60
N SER A 8 10.20 32.08 -32.49
CA SER A 8 9.02 32.11 -31.65
C SER A 8 7.86 32.80 -32.37
N ASN A 9 6.66 32.25 -32.23
CA ASN A 9 5.47 32.81 -32.85
C ASN A 9 4.89 33.88 -31.94
N PRO A 10 4.78 35.14 -32.38
CA PRO A 10 4.27 36.19 -31.49
C PRO A 10 2.84 35.98 -31.05
N SER A 11 1.99 35.38 -31.89
CA SER A 11 0.60 35.16 -31.54
C SER A 11 0.39 33.99 -30.61
N ALA A 12 1.46 33.24 -30.28
CA ALA A 12 1.32 32.07 -29.43
C ALA A 12 1.03 32.48 -27.99
N GLU A 13 -0.01 31.90 -27.42
CA GLU A 13 -0.36 32.18 -26.04
C GLU A 13 0.50 31.35 -25.08
N ASN A 14 0.56 31.81 -23.83
CA ASN A 14 1.36 31.12 -22.83
C ASN A 14 0.70 29.77 -22.48
N PRO A 15 1.51 28.76 -22.17
CA PRO A 15 0.93 27.46 -21.79
C PRO A 15 0.13 27.55 -20.51
N SER A 16 -0.82 26.63 -20.37
CA SER A 16 -1.66 26.61 -19.18
C SER A 16 -0.87 26.18 -17.96
N SER A 17 -1.23 26.74 -16.80
CA SER A 17 -0.59 26.40 -15.53
C SER A 17 -1.42 25.33 -14.82
N LEU A 18 -1.34 24.12 -15.36
CA LEU A 18 -2.10 23.00 -14.82
C LEU A 18 -1.51 22.53 -13.50
N ARG A 19 -2.36 22.01 -12.64
CA ARG A 19 -1.91 21.51 -11.34
C ARG A 19 -1.32 20.11 -11.51
N PRO A 20 -0.07 19.88 -11.08
CA PRO A 20 0.56 18.57 -11.30
C PRO A 20 0.05 17.52 -10.31
N ARG A 21 -0.09 16.30 -10.81
CA ARG A 21 -0.30 15.16 -9.93
C ARG A 21 0.95 14.97 -9.08
N LYS A 22 0.81 15.12 -7.76
CA LYS A 22 1.94 15.36 -6.89
C LYS A 22 1.94 14.35 -5.75
N GLY A 23 3.07 13.69 -5.55
CA GLY A 23 3.23 12.77 -4.44
C GLY A 23 4.50 13.08 -3.67
N ILE A 24 4.55 12.54 -2.45
CA ILE A 24 5.72 12.69 -1.59
C ILE A 24 5.92 11.39 -0.82
N ILE A 25 7.15 10.89 -0.82
CA ILE A 25 7.53 9.68 -0.09
C ILE A 25 8.35 10.11 1.10
N ILE A 26 7.93 9.69 2.29
CA ILE A 26 8.59 10.03 3.54
C ILE A 26 9.31 8.78 4.04
N GLY A 27 10.62 8.88 4.21
CA GLY A 27 11.43 7.72 4.55
C GLY A 27 12.04 7.10 3.30
N LEU A 28 13.29 7.43 3.02
CA LEU A 28 13.93 6.94 1.80
C LEU A 28 14.97 5.89 2.11
N GLY A 29 14.58 4.89 2.90
CA GLY A 29 15.37 3.69 3.04
C GLY A 29 15.20 2.80 1.84
N GLN A 30 15.45 1.50 2.04
CA GLN A 30 15.33 0.55 0.93
C GLN A 30 13.91 0.47 0.40
N VAL A 31 12.92 0.57 1.29
CA VAL A 31 11.53 0.51 0.85
C VAL A 31 11.16 1.77 0.07
N GLY A 32 11.50 2.94 0.60
CA GLY A 32 11.14 4.18 -0.07
C GLY A 32 11.85 4.37 -1.40
N LEU A 33 13.11 3.95 -1.47
CA LEU A 33 13.85 4.06 -2.72
C LEU A 33 13.26 3.12 -3.77
N ALA A 34 12.85 1.92 -3.36
CA ALA A 34 12.21 0.99 -4.29
C ALA A 34 10.88 1.56 -4.79
N CYS A 35 10.10 2.15 -3.89
CA CYS A 35 8.86 2.82 -4.31
C CYS A 35 9.16 3.93 -5.30
N ALA A 36 10.17 4.76 -5.02
CA ALA A 36 10.47 5.89 -5.89
C ALA A 36 10.90 5.42 -7.27
N TYR A 37 11.81 4.45 -7.34
CA TYR A 37 12.29 3.95 -8.62
C TYR A 37 11.14 3.40 -9.45
N SER A 38 10.24 2.64 -8.81
CA SER A 38 9.10 2.08 -9.54
C SER A 38 8.15 3.18 -10.01
N MET A 39 7.81 4.12 -9.12
CA MET A 39 6.84 5.15 -9.47
C MET A 39 7.40 6.10 -10.52
N LEU A 40 8.73 6.24 -10.60
CA LEU A 40 9.33 7.05 -11.65
C LEU A 40 9.26 6.32 -13.00
N ILE A 41 9.65 5.04 -13.01
CA ILE A 41 9.63 4.27 -14.26
C ILE A 41 8.21 4.15 -14.78
N GLN A 42 7.24 3.93 -13.90
CA GLN A 42 5.85 3.76 -14.31
C GLN A 42 5.10 5.08 -14.44
N ASP A 43 5.78 6.22 -14.25
CA ASP A 43 5.24 7.55 -14.54
C ASP A 43 3.95 7.81 -13.76
N CYS A 44 4.02 7.64 -12.44
CA CYS A 44 2.84 7.84 -11.61
C CYS A 44 2.54 9.33 -11.40
N PHE A 45 3.56 10.14 -11.15
CA PHE A 45 3.38 11.53 -10.76
C PHE A 45 4.00 12.48 -11.78
N ASP A 46 3.50 13.71 -11.77
CA ASP A 46 4.17 14.80 -12.47
C ASP A 46 5.29 15.38 -11.61
N GLU A 47 5.11 15.38 -10.30
CA GLU A 47 6.11 15.89 -9.36
C GLU A 47 6.17 14.95 -8.16
N LEU A 48 7.38 14.51 -7.82
CA LEU A 48 7.59 13.57 -6.73
C LEU A 48 8.63 14.14 -5.77
N VAL A 49 8.24 14.29 -4.51
CA VAL A 49 9.11 14.82 -3.48
C VAL A 49 9.57 13.68 -2.59
N LEU A 50 10.86 13.66 -2.26
CA LEU A 50 11.44 12.65 -1.39
C LEU A 50 11.87 13.32 -0.09
N GLN A 51 11.26 12.92 1.02
CA GLN A 51 11.56 13.50 2.32
C GLN A 51 12.23 12.48 3.22
N ASP A 52 13.41 12.81 3.72
CA ASP A 52 14.10 12.07 4.77
C ASP A 52 15.06 13.06 5.44
N ILE A 53 15.79 12.58 6.44
CA ILE A 53 16.74 13.47 7.12
C ILE A 53 17.78 13.95 6.11
N ALA A 54 18.23 15.20 6.29
CA ALA A 54 19.18 15.82 5.39
C ALA A 54 20.51 15.07 5.38
N SER A 55 20.83 14.44 4.25
CA SER A 55 22.07 13.70 4.11
C SER A 55 22.57 13.86 2.68
N ASP A 56 23.85 13.53 2.46
CA ASP A 56 24.38 13.44 1.11
C ASP A 56 23.78 12.26 0.35
N LYS A 57 23.37 11.21 1.05
CA LYS A 57 22.79 10.05 0.37
C LYS A 57 21.47 10.42 -0.30
N LEU A 58 20.52 10.98 0.47
CA LEU A 58 19.24 11.38 -0.08
C LEU A 58 19.41 12.28 -1.31
N GLU A 59 20.26 13.30 -1.19
CA GLU A 59 20.51 14.16 -2.34
C GLU A 59 21.21 13.41 -3.47
N GLY A 60 22.12 12.49 -3.12
CA GLY A 60 22.74 11.66 -4.13
C GLY A 60 21.76 10.74 -4.83
N GLU A 61 20.82 10.17 -4.06
CA GLU A 61 19.77 9.36 -4.66
C GLU A 61 18.90 10.20 -5.60
N VAL A 62 18.52 11.40 -5.16
CA VAL A 62 17.70 12.28 -6.00
C VAL A 62 18.44 12.63 -7.28
N MET A 63 19.73 12.95 -7.17
CA MET A 63 20.51 13.27 -8.36
C MET A 63 20.71 12.05 -9.24
N ASP A 64 20.82 10.86 -8.63
CA ASP A 64 20.87 9.63 -9.41
C ASP A 64 19.57 9.43 -10.19
N PHE A 65 18.43 9.63 -9.52
CA PHE A 65 17.14 9.57 -10.21
C PHE A 65 17.06 10.62 -11.31
N SER A 66 17.44 11.85 -11.00
CA SER A 66 17.31 12.94 -11.98
C SER A 66 18.17 12.69 -13.21
N HIS A 67 19.36 12.10 -13.03
CA HIS A 67 20.25 11.90 -14.16
C HIS A 67 19.75 10.81 -15.10
N GLY A 68 18.97 9.86 -14.60
CA GLY A 68 18.42 8.81 -15.44
C GLY A 68 17.06 9.10 -16.03
N MET A 69 16.44 10.20 -15.64
CA MET A 69 15.10 10.54 -16.12
C MET A 69 14.96 10.57 -17.65
N PRO A 70 15.95 11.04 -18.44
CA PRO A 70 15.75 11.07 -19.90
C PRO A 70 15.29 9.76 -20.53
N PHE A 71 15.53 8.64 -19.87
CA PHE A 71 15.17 7.34 -20.44
C PHE A 71 13.74 6.92 -20.14
N ILE A 72 13.03 7.66 -19.29
CA ILE A 72 11.65 7.33 -18.91
C ILE A 72 10.80 8.58 -19.07
N PRO A 73 9.47 8.52 -18.93
CA PRO A 73 8.67 9.73 -19.01
C PRO A 73 9.09 10.72 -17.94
N PRO A 74 8.95 12.02 -18.21
CA PRO A 74 9.45 13.02 -17.27
C PRO A 74 8.69 13.04 -15.96
N THR A 75 9.42 13.30 -14.87
CA THR A 75 8.85 13.53 -13.56
C THR A 75 9.76 14.51 -12.82
N ASP A 76 9.17 15.56 -12.25
CA ASP A 76 9.91 16.56 -11.50
C ASP A 76 10.25 15.97 -10.13
N ILE A 77 11.32 15.17 -10.10
CA ILE A 77 11.77 14.51 -8.88
C ILE A 77 12.69 15.46 -8.13
N LYS A 78 12.54 15.49 -6.80
CA LYS A 78 13.30 16.43 -5.98
C LYS A 78 13.26 15.98 -4.53
N ALA A 79 14.23 16.48 -3.77
CA ALA A 79 14.21 16.35 -2.33
C ALA A 79 13.50 17.55 -1.72
N GLY A 80 12.81 17.31 -0.61
CA GLY A 80 12.09 18.38 0.04
C GLY A 80 11.34 17.88 1.25
N THR A 81 10.44 18.74 1.75
CA THR A 81 9.65 18.45 2.93
C THR A 81 8.18 18.73 2.65
N ILE A 82 7.32 18.26 3.56
CA ILE A 82 5.88 18.47 3.44
C ILE A 82 5.56 19.95 3.49
N ALA A 83 6.18 20.68 4.43
CA ALA A 83 5.85 22.08 4.64
C ALA A 83 6.30 22.97 3.50
N ASN A 84 7.23 22.51 2.66
CA ASN A 84 7.76 23.34 1.59
C ASN A 84 7.42 22.75 0.23
N GLU A 85 8.28 21.88 -0.28
CA GLU A 85 8.08 21.36 -1.63
C GLU A 85 6.83 20.50 -1.75
N GLY A 86 6.36 19.94 -0.64
CA GLY A 86 5.33 18.92 -0.72
C GLY A 86 3.94 19.41 -0.36
N ARG A 87 3.74 20.73 -0.33
CA ARG A 87 2.44 21.27 0.06
C ARG A 87 1.36 20.85 -0.93
N ASN A 88 0.20 20.47 -0.39
CA ASN A 88 -0.97 20.11 -1.19
C ASN A 88 -0.70 18.93 -2.11
N ALA A 89 0.09 17.98 -1.62
CA ALA A 89 0.34 16.77 -2.39
C ALA A 89 -0.92 15.93 -2.51
N ASP A 90 -1.03 15.17 -3.60
CA ASP A 90 -2.19 14.31 -3.78
C ASP A 90 -2.10 13.07 -2.90
N ILE A 91 -0.92 12.46 -2.83
CA ILE A 91 -0.71 11.24 -2.06
C ILE A 91 0.54 11.41 -1.21
N VAL A 92 0.44 11.03 0.06
CA VAL A 92 1.57 11.03 0.98
C VAL A 92 1.85 9.57 1.34
N ILE A 93 2.99 9.06 0.89
CA ILE A 93 3.39 7.67 1.13
C ILE A 93 4.42 7.67 2.24
N ILE A 94 4.11 7.00 3.34
CA ILE A 94 4.96 7.00 4.52
C ILE A 94 5.57 5.61 4.68
N THR A 95 6.88 5.53 4.47
CA THR A 95 7.65 4.32 4.76
C THR A 95 8.59 4.51 5.94
N ALA A 96 8.57 5.68 6.57
CA ALA A 96 9.53 6.00 7.62
C ALA A 96 9.36 5.07 8.82
N GLY A 97 10.46 4.87 9.53
CA GLY A 97 10.46 4.00 10.68
C GLY A 97 11.88 3.69 11.10
N VAL A 98 12.00 3.02 12.24
CA VAL A 98 13.29 2.64 12.80
C VAL A 98 13.31 1.14 13.03
N ALA A 99 14.51 0.56 12.99
CA ALA A 99 14.67 -0.87 13.17
C ALA A 99 14.69 -1.24 14.65
N GLN A 100 14.22 -2.45 14.94
CA GLN A 100 14.15 -2.93 16.32
C GLN A 100 15.57 -3.14 16.86
N LYS A 101 15.89 -2.42 17.93
CA LYS A 101 17.21 -2.54 18.54
C LYS A 101 17.35 -3.90 19.22
N GLU A 102 18.59 -4.26 19.56
CA GLU A 102 18.87 -5.54 20.19
C GLU A 102 18.23 -5.58 21.57
N GLY A 103 17.26 -6.48 21.75
CA GLY A 103 16.56 -6.61 23.01
C GLY A 103 15.44 -5.61 23.22
N GLU A 104 15.00 -4.92 22.19
CA GLU A 104 13.93 -3.94 22.33
C GLU A 104 12.57 -4.62 22.27
N SER A 105 11.65 -4.16 23.10
CA SER A 105 10.31 -4.72 23.13
C SER A 105 9.54 -4.36 21.86
N ARG A 106 8.60 -5.23 21.49
CA ARG A 106 7.73 -4.94 20.37
C ARG A 106 6.87 -3.71 20.64
N LEU A 107 6.48 -3.51 21.90
CA LEU A 107 5.74 -2.30 22.26
C LEU A 107 6.65 -1.07 22.25
N SER A 108 7.94 -1.26 22.54
CA SER A 108 8.87 -0.13 22.50
C SER A 108 9.13 0.32 21.07
N LEU A 109 9.24 -0.62 20.13
CA LEU A 109 9.43 -0.25 18.74
C LEU A 109 8.20 0.46 18.18
N LEU A 110 7.01 0.03 18.61
CA LEU A 110 5.78 0.71 18.18
C LEU A 110 5.75 2.15 18.67
N GLU A 111 6.03 2.36 19.96
CA GLU A 111 6.00 3.71 20.51
C GLU A 111 7.06 4.60 19.89
N ARG A 112 8.16 4.03 19.40
CA ARG A 112 9.16 4.81 18.71
C ARG A 112 8.67 5.22 17.32
N ASN A 113 8.11 4.27 16.57
CA ASN A 113 7.59 4.59 15.25
C ASN A 113 6.36 5.48 15.31
N ILE A 114 5.53 5.31 16.35
CA ILE A 114 4.38 6.19 16.52
C ILE A 114 4.83 7.62 16.81
N ALA A 115 5.89 7.78 17.60
CA ALA A 115 6.44 9.11 17.84
C ALA A 115 6.99 9.71 16.55
N ILE A 116 7.59 8.87 15.69
CA ILE A 116 8.05 9.35 14.39
C ILE A 116 6.88 9.81 13.55
N TYR A 117 5.75 9.10 13.62
CA TYR A 117 4.58 9.47 12.83
C TYR A 117 3.96 10.76 13.33
N LYS A 118 3.97 11.00 14.64
CA LYS A 118 3.33 12.19 15.18
C LYS A 118 4.00 13.46 14.68
N LYS A 119 5.33 13.45 14.58
CA LYS A 119 6.03 14.61 14.02
C LYS A 119 5.77 14.74 12.53
N ILE A 120 5.66 13.62 11.82
CA ILE A 120 5.41 13.64 10.38
C ILE A 120 4.00 14.10 10.09
N LEU A 121 3.01 13.49 10.75
CA LEU A 121 1.61 13.75 10.44
C LEU A 121 1.17 15.15 10.83
N ALA A 122 1.88 15.82 11.75
CA ALA A 122 1.54 17.19 12.08
C ALA A 122 1.72 18.10 10.86
N ASP A 123 2.78 17.88 10.09
CA ASP A 123 2.97 18.66 8.86
C ASP A 123 1.97 18.23 7.78
N VAL A 124 1.61 16.95 7.74
CA VAL A 124 0.68 16.47 6.73
C VAL A 124 -0.70 17.09 6.95
N VAL A 125 -1.15 17.15 8.21
CA VAL A 125 -2.46 17.74 8.50
C VAL A 125 -2.46 19.22 8.16
N LYS A 126 -1.35 19.91 8.40
CA LYS A 126 -1.30 21.36 8.22
C LYS A 126 -1.17 21.73 6.75
N TYR A 127 -0.33 21.03 5.99
CA TYR A 127 0.00 21.44 4.63
C TYR A 127 -0.54 20.51 3.55
N CYS A 128 -1.01 19.32 3.89
CA CYS A 128 -1.65 18.40 2.95
C CYS A 128 -2.99 17.97 3.51
N PRO A 129 -3.95 18.90 3.63
CA PRO A 129 -5.22 18.53 4.28
C PRO A 129 -6.10 17.62 3.45
N GLU A 130 -6.06 17.74 2.13
CA GLU A 130 -6.91 16.95 1.24
C GLU A 130 -6.19 15.72 0.69
N ALA A 131 -5.03 15.37 1.23
CA ALA A 131 -4.22 14.30 0.68
C ALA A 131 -4.69 12.94 1.18
N ILE A 132 -4.35 11.92 0.41
CA ILE A 132 -4.53 10.53 0.83
C ILE A 132 -3.20 10.04 1.40
N ILE A 133 -3.24 9.44 2.58
CA ILE A 133 -2.05 8.97 3.27
C ILE A 133 -1.96 7.46 3.06
N LEU A 134 -0.88 7.03 2.41
CA LEU A 134 -0.63 5.61 2.15
C LEU A 134 0.44 5.13 3.13
N VAL A 135 0.04 4.31 4.08
CA VAL A 135 0.91 3.86 5.16
C VAL A 135 1.53 2.52 4.78
N VAL A 136 2.86 2.44 4.86
CA VAL A 136 3.58 1.22 4.55
C VAL A 136 4.38 0.68 5.73
N THR A 137 4.72 1.51 6.71
CA THR A 137 5.51 1.07 7.86
C THR A 137 4.81 -0.07 8.60
N ASN A 138 5.61 -1.05 9.03
CA ASN A 138 5.17 -2.24 9.76
C ASN A 138 5.14 -1.98 11.26
N PRO A 139 4.17 -2.53 11.99
CA PRO A 139 3.04 -3.31 11.47
C PRO A 139 1.99 -2.40 10.84
N VAL A 140 1.64 -2.68 9.59
CA VAL A 140 0.87 -1.72 8.79
C VAL A 140 -0.52 -1.50 9.37
N ASP A 141 -1.10 -2.51 10.02
CA ASP A 141 -2.45 -2.35 10.57
C ASP A 141 -2.43 -1.43 11.79
N ILE A 142 -1.41 -1.55 12.63
CA ILE A 142 -1.29 -0.66 13.79
C ILE A 142 -0.96 0.75 13.33
N MET A 143 -0.01 0.90 12.40
CA MET A 143 0.40 2.23 11.96
C MET A 143 -0.70 2.93 11.18
N THR A 144 -1.52 2.17 10.44
CA THR A 144 -2.65 2.79 9.74
C THR A 144 -3.68 3.33 10.73
N TYR A 145 -3.97 2.58 11.79
CA TYR A 145 -4.92 3.05 12.79
C TYR A 145 -4.36 4.22 13.57
N ALA A 146 -3.07 4.19 13.89
CA ALA A 146 -2.44 5.34 14.55
C ALA A 146 -2.52 6.58 13.66
N THR A 147 -2.28 6.42 12.36
CA THR A 147 -2.37 7.55 11.45
C THR A 147 -3.78 8.13 11.42
N LEU A 148 -4.79 7.26 11.46
CA LEU A 148 -6.17 7.74 11.48
C LEU A 148 -6.46 8.55 12.73
N LYS A 149 -5.99 8.07 13.89
CA LYS A 149 -6.27 8.76 15.14
C LYS A 149 -5.46 10.04 15.28
N ILE A 150 -4.23 10.05 14.75
CA ILE A 150 -3.39 11.24 14.87
C ILE A 150 -3.87 12.34 13.94
N THR A 151 -4.19 12.00 12.70
CA THR A 151 -4.55 13.01 11.71
C THR A 151 -5.98 13.52 11.89
N GLY A 152 -6.91 12.63 12.24
CA GLY A 152 -8.31 13.01 12.20
C GLY A 152 -8.88 13.11 10.80
N PHE A 153 -8.15 12.63 9.79
CA PHE A 153 -8.65 12.63 8.43
C PHE A 153 -9.87 11.72 8.31
N PRO A 154 -10.68 11.92 7.27
CA PRO A 154 -11.73 10.93 6.97
C PRO A 154 -11.12 9.56 6.76
N SER A 155 -11.77 8.53 7.31
CA SER A 155 -11.24 7.17 7.24
C SER A 155 -11.06 6.69 5.81
N SER A 156 -11.73 7.32 4.84
CA SER A 156 -11.58 6.94 3.44
C SER A 156 -10.21 7.31 2.88
N ARG A 157 -9.52 8.27 3.48
CA ARG A 157 -8.25 8.76 2.96
C ARG A 157 -7.05 8.28 3.75
N ILE A 158 -7.25 7.42 4.74
CA ILE A 158 -6.16 6.78 5.47
C ILE A 158 -6.10 5.33 5.02
N ILE A 159 -5.07 5.00 4.24
CA ILE A 159 -4.96 3.71 3.57
C ILE A 159 -3.62 3.08 3.92
N GLY A 160 -3.64 1.80 4.26
CA GLY A 160 -2.43 1.04 4.51
C GLY A 160 -2.21 0.01 3.41
N SER A 161 -0.94 -0.32 3.16
CA SER A 161 -0.62 -1.26 2.10
C SER A 161 -1.26 -2.63 2.35
N GLY A 162 -1.40 -3.03 3.60
CA GLY A 162 -2.20 -4.20 3.95
C GLY A 162 -1.71 -5.47 3.30
N THR A 163 -2.66 -6.26 2.81
CA THR A 163 -2.38 -7.55 2.18
C THR A 163 -2.46 -7.49 0.66
N VAL A 164 -2.37 -6.29 0.08
CA VAL A 164 -2.45 -6.15 -1.38
C VAL A 164 -1.39 -7.00 -2.06
N LEU A 165 -0.17 -7.02 -1.50
CA LEU A 165 0.91 -7.79 -2.11
C LEU A 165 0.63 -9.28 -2.09
N ASP A 166 0.26 -9.82 -0.93
CA ASP A 166 0.03 -11.26 -0.83
C ASP A 166 -1.23 -11.69 -1.60
N THR A 167 -2.24 -10.83 -1.65
CA THR A 167 -3.44 -11.15 -2.43
C THR A 167 -3.12 -11.28 -3.91
N ALA A 168 -2.28 -10.39 -4.43
CA ALA A 168 -1.92 -10.45 -5.85
C ALA A 168 -1.15 -11.73 -6.16
N ARG A 169 -0.21 -12.12 -5.29
CA ARG A 169 0.49 -13.38 -5.47
C ARG A 169 -0.46 -14.57 -5.35
N PHE A 170 -1.36 -14.51 -4.36
CA PHE A 170 -2.40 -15.53 -4.20
C PHE A 170 -3.22 -15.67 -5.48
N ARG A 171 -3.67 -14.54 -6.02
CA ARG A 171 -4.46 -14.56 -7.24
CA ARG A 171 -4.46 -14.56 -7.24
C ARG A 171 -3.67 -15.13 -8.41
N THR A 172 -2.41 -14.73 -8.54
CA THR A 172 -1.60 -15.16 -9.69
C THR A 172 -1.25 -16.64 -9.60
N LEU A 173 -0.95 -17.13 -8.39
CA LEU A 173 -0.61 -18.55 -8.24
C LEU A 173 -1.81 -19.44 -8.54
N LEU A 174 -3.00 -19.02 -8.12
CA LEU A 174 -4.20 -19.81 -8.39
C LEU A 174 -4.50 -19.85 -9.88
N ALA A 175 -4.37 -18.71 -10.56
CA ALA A 175 -4.62 -18.69 -12.00
C ALA A 175 -3.58 -19.49 -12.77
N LYS A 176 -2.33 -19.50 -12.30
CA LYS A 176 -1.30 -20.29 -12.96
C LYS A 176 -1.61 -21.78 -12.84
N GLU A 177 -2.15 -22.20 -11.70
CA GLU A 177 -2.53 -23.60 -11.51
C GLU A 177 -3.61 -24.03 -12.50
N MET A 178 -4.47 -23.10 -12.90
CA MET A 178 -5.61 -23.41 -13.75
C MET A 178 -5.43 -23.00 -15.20
N ASP A 179 -4.25 -22.46 -15.56
CA ASP A 179 -3.94 -22.06 -16.94
C ASP A 179 -4.94 -21.03 -17.44
N ILE A 180 -5.14 -19.96 -16.67
CA ILE A 180 -6.15 -18.96 -17.00
C ILE A 180 -5.60 -17.58 -16.67
N ASP A 181 -6.14 -16.58 -17.37
CA ASP A 181 -5.85 -15.17 -17.15
C ASP A 181 -6.05 -14.82 -15.67
N PRO A 182 -5.03 -14.27 -15.00
CA PRO A 182 -5.19 -13.94 -13.57
C PRO A 182 -6.30 -12.94 -13.28
N ARG A 183 -6.68 -12.10 -14.24
CA ARG A 183 -7.76 -11.15 -14.03
C ARG A 183 -9.12 -11.83 -13.91
N SER A 184 -9.21 -13.13 -14.20
CA SER A 184 -10.45 -13.88 -14.05
C SER A 184 -10.64 -14.43 -12.64
N VAL A 185 -9.67 -14.26 -11.76
CA VAL A 185 -9.68 -14.83 -10.42
C VAL A 185 -9.91 -13.71 -9.42
N HIS A 186 -10.89 -13.91 -8.54
CA HIS A 186 -11.12 -13.01 -7.40
C HIS A 186 -10.97 -13.85 -6.13
N ALA A 187 -9.75 -13.85 -5.58
CA ALA A 187 -9.43 -14.56 -4.35
C ALA A 187 -8.68 -13.62 -3.44
N TYR A 188 -9.23 -13.36 -2.25
CA TYR A 188 -8.74 -12.32 -1.37
C TYR A 188 -8.03 -12.92 -0.16
N ILE A 189 -6.96 -12.24 0.26
CA ILE A 189 -6.32 -12.47 1.55
C ILE A 189 -6.63 -11.27 2.42
N ILE A 190 -7.31 -11.50 3.55
CA ILE A 190 -7.83 -10.43 4.37
C ILE A 190 -7.26 -10.55 5.78
N GLY A 191 -7.54 -9.54 6.60
CA GLY A 191 -7.18 -9.56 8.00
C GLY A 191 -5.92 -8.81 8.34
N GLU A 192 -5.16 -9.33 9.31
CA GLU A 192 -3.94 -8.70 9.77
C GLU A 192 -2.77 -9.14 8.89
N HIS A 193 -2.01 -8.17 8.40
CA HIS A 193 -0.86 -8.48 7.54
C HIS A 193 0.19 -9.22 8.35
N GLY A 194 0.51 -10.43 7.93
CA GLY A 194 1.49 -11.25 8.62
C GLY A 194 1.12 -12.71 8.51
N ASP A 195 1.57 -13.49 9.49
N ASP A 195 1.56 -13.49 9.51
CA ASP A 195 1.33 -14.93 9.48
CA ASP A 195 1.34 -14.92 9.53
C ASP A 195 -0.13 -15.30 9.77
C ASP A 195 -0.09 -15.32 9.88
N SER A 196 -0.94 -14.35 10.25
CA SER A 196 -2.32 -14.63 10.62
C SER A 196 -3.33 -14.10 9.61
N GLU A 197 -2.88 -13.66 8.44
CA GLU A 197 -3.80 -13.23 7.41
C GLU A 197 -4.63 -14.40 6.89
N VAL A 198 -5.87 -14.12 6.50
CA VAL A 198 -6.88 -15.13 6.26
C VAL A 198 -7.17 -15.21 4.77
N PRO A 199 -6.99 -16.37 4.13
CA PRO A 199 -7.46 -16.54 2.75
C PRO A 199 -8.96 -16.83 2.74
N VAL A 200 -9.68 -16.10 1.90
CA VAL A 200 -11.16 -16.22 1.87
C VAL A 200 -11.47 -17.30 0.83
N TRP A 201 -11.33 -18.55 1.24
CA TRP A 201 -11.63 -19.66 0.35
C TRP A 201 -13.12 -19.76 0.05
N SER A 202 -13.97 -19.32 0.98
CA SER A 202 -15.41 -19.51 0.82
C SER A 202 -15.95 -18.74 -0.38
N THR A 203 -15.35 -17.61 -0.72
CA THR A 203 -15.82 -16.78 -1.82
C THR A 203 -14.83 -16.73 -2.99
N ALA A 204 -13.75 -17.50 -2.92
CA ALA A 204 -12.78 -17.54 -4.01
C ALA A 204 -13.47 -17.93 -5.32
N ASN A 205 -13.24 -17.12 -6.35
CA ASN A 205 -14.03 -17.21 -7.57
C ASN A 205 -13.11 -17.16 -8.79
N VAL A 206 -13.44 -17.98 -9.79
CA VAL A 206 -12.69 -18.05 -11.04
C VAL A 206 -13.68 -17.89 -12.20
N GLY A 207 -13.67 -16.72 -12.82
CA GLY A 207 -14.52 -16.46 -13.96
C GLY A 207 -16.00 -16.65 -13.71
N GLY A 208 -16.46 -16.42 -12.48
CA GLY A 208 -17.83 -16.65 -12.09
C GLY A 208 -18.04 -17.93 -11.30
N MET A 209 -17.17 -18.90 -11.45
CA MET A 209 -17.28 -20.19 -10.76
C MET A 209 -16.65 -20.10 -9.38
N LYS A 210 -17.30 -20.72 -8.40
CA LYS A 210 -16.74 -20.80 -7.05
C LYS A 210 -15.70 -21.91 -6.99
N LEU A 211 -14.50 -21.58 -6.50
CA LEU A 211 -13.51 -22.62 -6.25
C LEU A 211 -14.01 -23.64 -5.23
N VAL A 212 -14.79 -23.18 -4.26
CA VAL A 212 -15.42 -24.06 -3.27
C VAL A 212 -16.92 -24.01 -3.51
N PRO A 213 -17.46 -24.88 -4.37
CA PRO A 213 -18.89 -24.77 -4.73
C PRO A 213 -19.84 -24.96 -3.55
N ASN A 214 -19.48 -25.81 -2.58
CA ASN A 214 -20.33 -26.02 -1.42
C ASN A 214 -19.54 -25.60 -0.19
N THR A 215 -18.99 -26.53 0.58
CA THR A 215 -18.12 -26.21 1.69
C THR A 215 -16.73 -26.79 1.43
N TRP A 216 -15.75 -26.30 2.19
CA TRP A 216 -14.39 -26.78 2.03
C TRP A 216 -14.28 -28.27 2.30
N ALA A 217 -15.07 -28.79 3.26
CA ALA A 217 -15.00 -30.21 3.58
C ALA A 217 -15.48 -31.08 2.42
N ASP A 218 -16.33 -30.54 1.55
CA ASP A 218 -16.85 -31.29 0.42
C ASP A 218 -15.86 -31.38 -0.74
N LEU A 219 -14.78 -30.60 -0.72
CA LEU A 219 -13.82 -30.63 -1.81
C LEU A 219 -13.06 -31.96 -1.83
N PRO A 220 -12.70 -32.44 -3.02
CA PRO A 220 -11.84 -33.63 -3.09
C PRO A 220 -10.54 -33.41 -2.35
N GLU A 221 -9.95 -34.51 -1.87
CA GLU A 221 -8.77 -34.42 -1.03
C GLU A 221 -7.59 -33.78 -1.77
N ASP A 222 -7.41 -34.13 -3.04
CA ASP A 222 -6.27 -33.58 -3.79
C ASP A 222 -6.44 -32.09 -4.05
N GLU A 223 -7.67 -31.62 -4.26
CA GLU A 223 -7.90 -30.19 -4.45
C GLU A 223 -7.65 -29.43 -3.16
N LYS A 224 -8.00 -30.02 -2.01
CA LYS A 224 -7.74 -29.36 -0.74
C LYS A 224 -6.24 -29.24 -0.47
N ALA A 225 -5.47 -30.26 -0.84
CA ALA A 225 -4.03 -30.19 -0.67
C ALA A 225 -3.41 -29.18 -1.63
N THR A 226 -3.90 -29.12 -2.87
CA THR A 226 -3.33 -28.19 -3.84
C THR A 226 -3.68 -26.74 -3.49
N LEU A 227 -4.93 -26.49 -3.10
CA LEU A 227 -5.31 -25.12 -2.73
C LEU A 227 -4.59 -24.67 -1.47
N SER A 228 -4.46 -25.55 -0.47
N SER A 228 -4.46 -25.55 -0.47
CA SER A 228 -3.77 -25.19 0.76
CA SER A 228 -3.77 -25.17 0.76
C SER A 228 -2.29 -24.93 0.50
C SER A 228 -2.29 -24.95 0.52
N GLY A 229 -1.69 -25.69 -0.42
CA GLY A 229 -0.29 -25.50 -0.74
C GLY A 229 -0.02 -24.19 -1.46
N ILE A 230 -1.02 -23.66 -2.17
CA ILE A 230 -0.85 -22.40 -2.88
C ILE A 230 -0.79 -21.24 -1.90
N PHE A 231 -1.70 -21.23 -0.91
CA PHE A 231 -1.65 -20.19 0.11
C PHE A 231 -0.41 -20.33 0.98
N GLN A 232 -0.02 -21.57 1.29
CA GLN A 232 1.22 -21.80 2.03
C GLN A 232 2.42 -21.29 1.26
N LYS A 233 2.40 -21.42 -0.07
CA LYS A 233 3.49 -20.88 -0.89
C LYS A 233 3.55 -19.37 -0.78
N VAL A 234 2.40 -18.70 -0.67
CA VAL A 234 2.38 -17.25 -0.51
C VAL A 234 3.01 -16.85 0.82
N GLN A 235 2.64 -17.55 1.90
CA GLN A 235 3.18 -17.21 3.21
C GLN A 235 4.65 -17.59 3.33
N ASN A 236 5.07 -18.67 2.67
CA ASN A 236 6.49 -19.02 2.67
C ASN A 236 7.33 -17.97 1.97
N ALA A 237 6.81 -17.40 0.88
CA ALA A 237 7.56 -16.39 0.13
C ALA A 237 7.77 -15.13 0.95
N ALA A 238 6.72 -14.65 1.63
CA ALA A 238 6.84 -13.44 2.44
C ALA A 238 7.79 -13.65 3.61
N TYR A 239 7.76 -14.84 4.22
CA TYR A 239 8.66 -15.12 5.33
C TYR A 239 10.10 -15.26 4.87
N ASP A 240 10.31 -15.96 3.76
CA ASP A 240 11.68 -16.23 3.30
C ASP A 240 12.38 -14.96 2.83
N ILE A 241 11.64 -13.99 2.30
CA ILE A 241 12.25 -12.72 1.92
C ILE A 241 12.83 -12.03 3.15
N ILE A 242 12.08 -12.03 4.25
CA ILE A 242 12.59 -11.44 5.49
C ILE A 242 13.73 -12.28 6.06
N LYS A 243 13.68 -13.60 5.89
CA LYS A 243 14.71 -14.45 6.45
C LYS A 243 16.02 -14.35 5.66
N LEU A 244 15.94 -14.39 4.33
CA LEU A 244 17.12 -14.38 3.47
C LEU A 244 17.67 -12.98 3.22
N LYS A 245 16.80 -12.00 2.96
CA LYS A 245 17.22 -10.64 2.64
C LYS A 245 17.17 -9.70 3.84
N GLY A 246 16.31 -9.98 4.82
CA GLY A 246 16.13 -9.13 5.97
C GLY A 246 14.89 -8.27 5.92
N TYR A 247 14.31 -8.09 4.73
CA TYR A 247 13.21 -7.17 4.49
C TYR A 247 12.78 -7.34 3.04
N THR A 248 11.59 -6.83 2.73
CA THR A 248 11.13 -6.71 1.37
C THR A 248 11.22 -5.26 0.93
N SER A 249 11.61 -5.04 -0.32
CA SER A 249 11.67 -3.69 -0.86
C SER A 249 11.06 -3.64 -2.25
N TYR A 250 11.48 -4.56 -3.13
CA TYR A 250 10.99 -4.54 -4.51
C TYR A 250 9.54 -4.98 -4.59
N ALA A 251 9.16 -6.02 -3.83
CA ALA A 251 7.79 -6.50 -3.87
C ALA A 251 6.83 -5.47 -3.30
N ILE A 252 7.14 -4.94 -2.11
CA ILE A 252 6.27 -3.93 -1.49
C ILE A 252 6.30 -2.65 -2.31
N GLY A 253 7.40 -2.35 -2.99
CA GLY A 253 7.44 -1.18 -3.84
C GLY A 253 6.50 -1.27 -5.02
N LEU A 254 6.41 -2.45 -5.64
CA LEU A 254 5.48 -2.64 -6.74
C LEU A 254 4.04 -2.65 -6.27
N ALA A 255 3.78 -3.25 -5.11
CA ALA A 255 2.43 -3.26 -4.56
C ALA A 255 1.99 -1.84 -4.19
N THR A 256 2.89 -1.07 -3.58
CA THR A 256 2.57 0.32 -3.24
C THR A 256 2.29 1.14 -4.50
N THR A 257 3.10 0.94 -5.55
CA THR A 257 2.86 1.63 -6.81
C THR A 257 1.49 1.27 -7.39
N ASP A 258 1.09 0.00 -7.27
CA ASP A 258 -0.19 -0.43 -7.80
C ASP A 258 -1.35 0.26 -7.09
N ILE A 259 -1.22 0.47 -5.78
CA ILE A 259 -2.24 1.20 -5.04
C ILE A 259 -2.31 2.64 -5.53
N VAL A 260 -1.16 3.25 -5.79
CA VAL A 260 -1.12 4.63 -6.28
C VAL A 260 -1.83 4.73 -7.63
N LYS A 261 -1.64 3.73 -8.50
CA LYS A 261 -2.29 3.74 -9.81
C LYS A 261 -3.80 3.80 -9.68
N ALA A 262 -4.37 2.97 -8.81
CA ALA A 262 -5.82 2.95 -8.62
C ALA A 262 -6.34 4.29 -8.13
N ILE A 263 -5.55 4.99 -7.31
CA ILE A 263 -5.99 6.28 -6.77
C ILE A 263 -5.90 7.36 -7.85
N LEU A 264 -4.72 7.53 -8.44
CA LEU A 264 -4.49 8.67 -9.33
C LEU A 264 -5.27 8.54 -10.63
N ASN A 265 -5.55 7.33 -11.09
CA ASN A 265 -6.28 7.12 -12.34
C ASN A 265 -7.75 6.83 -12.11
N SER A 266 -8.24 6.99 -10.88
CA SER A 266 -9.66 6.80 -10.55
C SER A 266 -10.20 5.49 -11.11
N GLN A 267 -9.46 4.41 -10.83
CA GLN A 267 -9.75 3.12 -11.45
C GLN A 267 -10.90 2.38 -10.78
N GLU A 268 -11.31 2.77 -9.57
CA GLU A 268 -12.38 2.10 -8.83
C GLU A 268 -12.10 0.59 -8.75
N ARG A 269 -10.87 0.25 -8.42
CA ARG A 269 -10.36 -1.10 -8.48
C ARG A 269 -10.37 -1.73 -7.09
N ILE A 270 -10.66 -3.03 -7.03
CA ILE A 270 -10.78 -3.74 -5.76
C ILE A 270 -9.37 -4.05 -5.23
N LEU A 271 -9.09 -3.57 -4.03
CA LEU A 271 -7.80 -3.78 -3.39
C LEU A 271 -8.01 -4.11 -1.92
N THR A 272 -7.25 -5.09 -1.43
CA THR A 272 -7.30 -5.46 -0.01
C THR A 272 -6.33 -4.59 0.79
N VAL A 273 -6.55 -3.28 0.69
CA VAL A 273 -5.78 -2.34 1.51
C VAL A 273 -6.27 -2.38 2.95
N SER A 274 -5.41 -1.92 3.85
CA SER A 274 -5.80 -1.82 5.25
C SER A 274 -6.55 -0.52 5.50
N GLY A 275 -7.62 -0.60 6.29
CA GLY A 275 -8.45 0.55 6.55
C GLY A 275 -9.35 0.32 7.75
N LEU A 276 -10.03 1.38 8.14
CA LEU A 276 -10.85 1.35 9.35
C LEU A 276 -12.04 0.40 9.17
N MET A 277 -12.22 -0.50 10.14
CA MET A 277 -13.40 -1.35 10.18
C MET A 277 -14.55 -0.60 10.85
N THR A 278 -15.71 -0.56 10.18
CA THR A 278 -16.85 0.22 10.64
C THR A 278 -18.12 -0.63 10.58
N GLY A 279 -18.21 -1.64 11.46
CA GLY A 279 -19.42 -2.39 11.70
C GLY A 279 -19.44 -3.78 11.08
N MET A 280 -18.75 -3.98 9.97
CA MET A 280 -18.79 -5.27 9.30
C MET A 280 -18.23 -6.37 10.21
N TYR A 281 -18.98 -7.47 10.31
CA TYR A 281 -18.62 -8.61 11.16
C TYR A 281 -18.52 -8.20 12.63
N GLY A 282 -19.21 -7.12 13.00
CA GLY A 282 -19.18 -6.64 14.37
C GLY A 282 -17.85 -6.08 14.81
N ILE A 283 -16.98 -5.71 13.86
CA ILE A 283 -15.63 -5.25 14.16
C ILE A 283 -15.60 -3.73 14.09
N GLU A 284 -15.03 -3.10 15.12
CA GLU A 284 -14.97 -1.65 15.21
C GLU A 284 -13.61 -1.23 15.77
N ASP A 285 -13.27 0.04 15.52
CA ASP A 285 -12.14 0.71 16.18
C ASP A 285 -10.82 -0.02 15.94
N VAL A 286 -10.58 -0.43 14.70
CA VAL A 286 -9.35 -1.14 14.34
C VAL A 286 -9.23 -1.11 12.82
N CYS A 287 -8.01 -1.33 12.33
CA CYS A 287 -7.73 -1.37 10.90
C CYS A 287 -7.39 -2.80 10.49
N LEU A 288 -8.08 -3.28 9.45
CA LEU A 288 -7.83 -4.59 8.87
C LEU A 288 -7.85 -4.46 7.36
N SER A 289 -7.38 -5.50 6.68
CA SER A 289 -7.41 -5.54 5.23
C SER A 289 -8.67 -6.27 4.76
N ILE A 290 -9.50 -5.57 3.99
N ILE A 290 -9.54 -5.57 4.04
CA ILE A 290 -10.74 -6.06 3.43
CA ILE A 290 -10.66 -6.21 3.36
C ILE A 290 -10.81 -5.58 1.99
C ILE A 290 -10.84 -5.58 1.99
N PRO A 291 -11.34 -6.37 1.04
CA PRO A 291 -11.48 -5.87 -0.35
C PRO A 291 -12.32 -4.61 -0.42
N ARG A 292 -11.73 -3.55 -0.98
CA ARG A 292 -12.38 -2.25 -1.05
C ARG A 292 -12.17 -1.66 -2.44
N VAL A 293 -13.17 -0.88 -2.88
CA VAL A 293 -13.06 -0.14 -4.13
C VAL A 293 -12.28 1.13 -3.86
N VAL A 294 -11.15 1.29 -4.54
CA VAL A 294 -10.23 2.41 -4.32
C VAL A 294 -10.22 3.29 -5.55
N SER A 295 -10.33 4.59 -5.34
CA SER A 295 -10.37 5.54 -6.46
C SER A 295 -9.71 6.84 -6.02
N GLU A 296 -10.09 7.95 -6.67
CA GLU A 296 -9.38 9.21 -6.48
C GLU A 296 -9.46 9.69 -5.04
N ARG A 297 -10.61 9.53 -4.40
CA ARG A 297 -10.82 10.00 -3.03
C ARG A 297 -10.60 8.91 -1.99
N GLY A 298 -9.91 7.83 -2.36
CA GLY A 298 -9.53 6.81 -1.39
C GLY A 298 -10.44 5.60 -1.40
N ILE A 299 -10.75 5.09 -0.21
CA ILE A 299 -11.65 3.95 -0.05
C ILE A 299 -13.07 4.43 -0.28
N ILE A 300 -13.63 4.11 -1.44
CA ILE A 300 -14.97 4.59 -1.81
C ILE A 300 -16.05 3.62 -1.37
N LYS A 301 -15.85 2.33 -1.61
CA LYS A 301 -16.82 1.29 -1.25
C LYS A 301 -16.07 0.09 -0.70
N THR A 302 -16.83 -0.79 -0.05
CA THR A 302 -16.28 -2.01 0.54
C THR A 302 -17.05 -3.21 -0.02
N VAL A 303 -16.30 -4.21 -0.50
CA VAL A 303 -16.93 -5.44 -0.97
C VAL A 303 -17.53 -6.17 0.23
N ASN A 304 -18.85 -6.36 0.21
CA ASN A 304 -19.58 -6.88 1.36
C ASN A 304 -19.53 -8.41 1.35
N LEU A 305 -18.32 -8.93 1.57
CA LEU A 305 -18.11 -10.38 1.55
C LEU A 305 -18.85 -11.06 2.70
N THR A 306 -19.44 -12.21 2.39
CA THR A 306 -20.01 -13.09 3.40
C THR A 306 -19.00 -14.18 3.71
N LEU A 307 -18.38 -14.10 4.88
CA LEU A 307 -17.36 -15.06 5.26
C LEU A 307 -18.00 -16.31 5.85
N SER A 308 -17.27 -17.41 5.77
CA SER A 308 -17.68 -18.60 6.49
C SER A 308 -17.48 -18.39 7.99
N GLU A 309 -18.09 -19.27 8.78
CA GLU A 309 -18.00 -19.14 10.23
C GLU A 309 -16.56 -19.22 10.71
N ASP A 310 -15.77 -20.12 10.13
CA ASP A 310 -14.37 -20.24 10.53
C ASP A 310 -13.57 -19.02 10.08
N GLU A 311 -13.83 -18.52 8.86
CA GLU A 311 -13.11 -17.35 8.38
C GLU A 311 -13.41 -16.12 9.24
N GLU A 312 -14.67 -15.94 9.63
CA GLU A 312 -15.04 -14.76 10.41
C GLU A 312 -14.46 -14.80 11.82
N LYS A 313 -14.35 -16.00 12.41
CA LYS A 313 -13.78 -16.10 13.75
C LYS A 313 -12.31 -15.72 13.75
N LEU A 314 -11.56 -16.15 12.74
CA LEU A 314 -10.16 -15.74 12.64
C LEU A 314 -10.03 -14.25 12.47
N LEU A 315 -10.94 -13.63 11.71
CA LEU A 315 -10.89 -12.19 11.52
C LEU A 315 -11.18 -11.44 12.81
N GLN A 316 -12.20 -11.89 13.56
CA GLN A 316 -12.53 -11.22 14.82
C GLN A 316 -11.46 -11.45 15.88
N GLN A 317 -10.75 -12.58 15.81
CA GLN A 317 -9.63 -12.79 16.73
C GLN A 317 -8.50 -11.83 16.44
N SER A 318 -8.17 -11.62 15.16
CA SER A 318 -7.13 -10.66 14.80
C SER A 318 -7.53 -9.25 15.22
N ALA A 319 -8.81 -8.91 15.07
CA ALA A 319 -9.27 -7.60 15.49
C ALA A 319 -9.14 -7.43 17.00
N LYS A 320 -9.42 -8.49 17.76
CA LYS A 320 -9.31 -8.40 19.21
C LYS A 320 -7.88 -8.16 19.65
N MET A 321 -6.92 -8.88 19.05
CA MET A 321 -5.54 -8.74 19.44
C MET A 321 -4.93 -7.41 19.00
N LEU A 322 -5.37 -6.88 17.85
CA LEU A 322 -4.87 -5.59 17.39
C LEU A 322 -5.39 -4.46 18.29
N LYS A 323 -6.64 -4.55 18.74
CA LYS A 323 -7.18 -3.55 19.64
C LYS A 323 -6.47 -3.59 21.00
N GLU A 324 -6.10 -4.79 21.47
CA GLU A 324 -5.39 -4.91 22.72
C GLU A 324 -3.99 -4.31 22.64
N VAL A 325 -3.29 -4.55 21.53
CA VAL A 325 -1.93 -4.03 21.38
C VAL A 325 -1.95 -2.51 21.34
N PHE A 326 -2.92 -1.91 20.65
CA PHE A 326 -2.98 -0.47 20.55
C PHE A 326 -3.35 0.18 21.87
N ASP A 327 -4.22 -0.47 22.65
CA ASP A 327 -4.58 0.07 23.97
C ASP A 327 -3.38 0.12 24.89
N LYS A 328 -2.41 -0.77 24.72
CA LYS A 328 -1.22 -0.78 25.57
C LYS A 328 -0.25 0.34 25.24
N ILE A 329 -0.31 0.89 24.03
CA ILE A 329 0.63 1.92 23.60
C ILE A 329 0.40 3.21 24.40
C21 7MT B . 20.38 21.55 -4.30
C10 7MT B . 22.99 22.94 0.99
C11 7MT B . 22.49 19.93 -3.70
C01 7MT B . 24.59 22.17 -2.34
C03 7MT B . 25.18 20.86 -2.90
C04 7MT B . 25.54 22.10 -0.15
C05 7MT B . 25.68 20.85 0.73
C07 7MT B . 25.62 18.72 -0.33
C08 7MT B . 25.53 18.71 -1.86
C13 7MT B . 23.05 23.97 1.91
C14 7MT B . 22.66 23.75 3.20
C15 7MT B . 22.23 22.52 3.57
C16 7MT B . 22.19 21.48 2.64
C18 7MT B . 21.71 20.08 3.04
C19 7MT B . 22.22 20.25 -5.03
C20 7MT B . 21.16 21.07 -5.31
C22 7MT B . 20.67 21.21 -2.98
C24 7MT B . 19.81 21.74 -1.82
C29 7MT B . 23.70 19.01 -3.36
C30 7MT B . 23.42 23.17 -0.48
N02 7MT B . 24.29 22.04 -0.90
N06 7MT B . 24.80 19.79 0.21
N09 7MT B . 24.51 19.67 -2.32
N17 7MT B . 22.56 21.71 1.36
N23 7MT B . 21.74 20.41 -2.70
O25 7MT B . 18.73 22.34 -2.06
O26 7MT B . 20.20 21.59 -0.64
O27 7MT B . 21.37 19.84 4.22
O28 7MT B . 21.66 19.18 2.17
TB 7MT B . 22.47 20.10 -0.46
TB TB C . -21.44 -12.66 11.62
TB TB D . -8.53 20.67 -3.68
TB TB E . -0.02 -26.12 -17.36
C1 EDO F . 19.27 -11.56 7.25
O1 EDO F . 20.41 -10.75 6.92
C2 EDO F . 18.54 -10.95 8.43
O2 EDO F . 17.38 -11.73 8.74
#